data_6KBL
#
_entry.id   6KBL
#
_cell.length_a   58.070
_cell.length_b   65.306
_cell.length_c   79.065
_cell.angle_alpha   90.00
_cell.angle_beta   90.00
_cell.angle_gamma   90.00
#
_symmetry.space_group_name_H-M   'P 21 21 21'
#
loop_
_entity.id
_entity.type
_entity.pdbx_description
1 polymer 'Aldo-keto reductase'
2 non-polymer 'CACODYLATE ION'
3 non-polymer 'ACETATE ION'
4 non-polymer GLYCEROL
5 water water
#
_entity_poly.entity_id   1
_entity_poly.type   'polypeptide(L)'
_entity_poly.pdbx_seq_one_letter_code
;AAPMAKHLVLNTGAKIPSVGLGTWQSDPGVVGNAVYAAVKAGYRHIDCASAYNNEKEVGLALKKLFEEGVVKRADLFITS
KLWCDHHAPEDVPEALDATLNDLQLEYLDLYLIHWPFRTKKGSSIGKPESYLPPDIPSTWAAMEKLYDSGKSRAIGVSNF
SSKKLGDLLAAARVPPAVDQVECHPGWQQMKLHNFCQSTGIHLSAYSPLGSPGSTFMNGNVLKEPIIISIAEKLGKTPAQ
VALRWNIQMGHSVLPKSVSEERIKQNLDVYDWSIPEDLLAKFSEIKQVRLLRGNFIVNPQSVYKTHEELWDGEI
;
_entity_poly.pdbx_strand_id   A
#
loop_
_chem_comp.id
_chem_comp.type
_chem_comp.name
_chem_comp.formula
ACT non-polymer 'ACETATE ION' 'C2 H3 O2 -1'
CAC non-polymer 'CACODYLATE ION' 'C2 H6 As O2 -1'
GOL non-polymer GLYCEROL 'C3 H8 O3'
#
# COMPACT_ATOMS: atom_id res chain seq x y z
N ALA A 1 13.77 -18.97 1.77
CA ALA A 1 12.36 -19.18 2.22
C ALA A 1 12.15 -18.52 3.58
N ALA A 2 11.40 -17.40 3.59
CA ALA A 2 11.29 -16.51 4.74
C ALA A 2 10.55 -17.20 5.88
N PRO A 3 10.80 -16.80 7.15
CA PRO A 3 10.10 -17.37 8.30
C PRO A 3 8.63 -16.96 8.38
N MET A 4 7.89 -17.55 9.32
CA MET A 4 6.48 -17.29 9.52
C MET A 4 6.27 -15.94 10.22
N ALA A 5 6.98 -15.73 11.34
CA ALA A 5 6.84 -14.53 12.13
C ALA A 5 7.16 -13.30 11.25
N LYS A 6 6.36 -12.24 11.40
CA LYS A 6 6.59 -10.93 10.81
C LYS A 6 6.29 -10.93 9.31
N HIS A 7 5.62 -11.98 8.82
CA HIS A 7 5.17 -12.08 7.41
C HIS A 7 3.72 -12.54 7.37
N LEU A 8 3.03 -12.22 6.26
CA LEU A 8 1.79 -12.86 5.87
C LEU A 8 2.09 -13.68 4.61
N VAL A 9 1.31 -14.74 4.36
CA VAL A 9 1.47 -15.52 3.16
C VAL A 9 0.49 -15.03 2.10
N LEU A 10 1.00 -14.74 0.91
CA LEU A 10 0.18 -14.35 -0.22
C LEU A 10 -0.40 -15.62 -0.87
N ASN A 11 -1.41 -15.45 -1.71
CA ASN A 11 -2.05 -16.58 -2.38
C ASN A 11 -1.10 -17.23 -3.39
N THR A 12 0.01 -16.56 -3.75
CA THR A 12 1.07 -17.15 -4.57
C THR A 12 1.97 -18.12 -3.76
N GLY A 13 1.93 -18.03 -2.43
CA GLY A 13 2.83 -18.76 -1.54
C GLY A 13 4.00 -17.90 -1.06
N ALA A 14 4.22 -16.76 -1.71
CA ALA A 14 5.27 -15.80 -1.30
C ALA A 14 4.90 -15.18 0.04
N LYS A 15 5.92 -14.77 0.80
CA LYS A 15 5.72 -14.12 2.07
C LYS A 15 5.94 -12.62 1.92
N ILE A 16 4.98 -11.83 2.41
CA ILE A 16 5.13 -10.37 2.44
C ILE A 16 5.47 -9.94 3.86
N PRO A 17 6.57 -9.19 4.09
CA PRO A 17 6.89 -8.67 5.42
C PRO A 17 5.77 -7.72 5.88
N SER A 18 5.35 -7.85 7.14
CA SER A 18 4.11 -7.17 7.57
C SER A 18 4.35 -5.69 7.88
N VAL A 19 5.61 -5.22 7.91
CA VAL A 19 5.92 -3.78 7.95
C VAL A 19 6.77 -3.44 6.72
N GLY A 20 6.32 -2.43 5.97
CA GLY A 20 7.11 -1.87 4.90
C GLY A 20 7.23 -0.36 5.05
N LEU A 21 8.28 0.21 4.45
CA LEU A 21 8.46 1.64 4.39
C LEU A 21 7.60 2.24 3.26
N GLY A 22 6.69 3.14 3.62
CA GLY A 22 5.96 3.95 2.65
C GLY A 22 6.85 5.03 2.06
N THR A 23 6.66 5.32 0.76
CA THR A 23 7.42 6.38 0.10
C THR A 23 6.50 7.41 -0.56
N TRP A 24 5.19 7.31 -0.31
CA TRP A 24 4.23 8.27 -0.84
C TRP A 24 4.49 9.63 -0.17
N GLN A 25 4.73 10.65 -0.99
CA GLN A 25 5.00 12.03 -0.56
C GLN A 25 6.36 12.14 0.16
N SER A 26 7.25 11.17 -0.02
CA SER A 26 8.63 11.29 0.47
C SER A 26 9.43 12.08 -0.56
N ASP A 27 10.02 13.20 -0.12
CA ASP A 27 10.72 14.07 -1.02
C ASP A 27 11.90 13.33 -1.63
N PRO A 28 12.12 13.44 -2.95
CA PRO A 28 13.23 12.76 -3.62
C PRO A 28 14.60 13.04 -2.97
N GLY A 29 14.76 14.24 -2.37
CA GLY A 29 16.00 14.64 -1.74
C GLY A 29 16.35 13.85 -0.49
N VAL A 30 15.36 13.24 0.17
CA VAL A 30 15.58 12.57 1.45
C VAL A 30 15.12 11.10 1.46
N VAL A 31 14.45 10.62 0.41
CA VAL A 31 13.90 9.26 0.43
C VAL A 31 15.03 8.23 0.42
N GLY A 32 16.12 8.53 -0.28
CA GLY A 32 17.27 7.65 -0.34
C GLY A 32 17.77 7.28 1.04
N ASN A 33 18.05 8.32 1.85
CA ASN A 33 18.51 8.11 3.20
C ASN A 33 17.47 7.35 4.03
N ALA A 34 16.17 7.62 3.81
CA ALA A 34 15.10 6.95 4.53
C ALA A 34 15.13 5.45 4.23
N VAL A 35 15.25 5.10 2.94
CA VAL A 35 15.28 3.70 2.52
C VAL A 35 16.51 3.00 3.12
N TYR A 36 17.66 3.65 3.01
CA TYR A 36 18.92 3.09 3.53
C TYR A 36 18.79 2.83 5.04
N ALA A 37 18.36 3.85 5.80
CA ALA A 37 18.20 3.76 7.26
C ALA A 37 17.18 2.69 7.63
N ALA A 38 16.07 2.62 6.87
CA ALA A 38 15.01 1.65 7.15
C ALA A 38 15.57 0.23 7.08
N VAL A 39 16.26 -0.09 5.97
CA VAL A 39 16.74 -1.43 5.75
C VAL A 39 17.80 -1.76 6.80
N LYS A 40 18.68 -0.79 7.09
CA LYS A 40 19.68 -0.92 8.17
C LYS A 40 19.01 -1.26 9.50
N ALA A 41 17.84 -0.66 9.76
CA ALA A 41 17.10 -0.83 11.01
C ALA A 41 16.34 -2.16 11.07
N GLY A 42 16.18 -2.81 9.90
CA GLY A 42 15.58 -4.15 9.81
C GLY A 42 14.36 -4.23 8.90
N TYR A 43 13.99 -3.13 8.22
CA TYR A 43 12.90 -3.22 7.26
C TYR A 43 13.33 -4.12 6.10
N ARG A 44 12.40 -4.92 5.60
CA ARG A 44 12.67 -5.83 4.49
C ARG A 44 11.61 -5.66 3.38
N HIS A 45 10.92 -4.51 3.40
CA HIS A 45 9.78 -4.25 2.51
C HIS A 45 9.74 -2.75 2.26
N ILE A 46 9.80 -2.36 0.97
CA ILE A 46 9.75 -0.97 0.51
C ILE A 46 8.58 -0.87 -0.49
N ASP A 47 7.73 0.14 -0.27
CA ASP A 47 6.57 0.35 -1.11
C ASP A 47 6.80 1.61 -1.94
N CYS A 48 6.74 1.47 -3.27
CA CYS A 48 7.10 2.52 -4.20
C CYS A 48 5.98 2.73 -5.21
N ALA A 49 6.12 3.79 -6.01
CA ALA A 49 5.24 4.00 -7.16
C ALA A 49 5.87 4.99 -8.13
N SER A 50 5.60 4.75 -9.41
CA SER A 50 6.02 5.66 -10.48
CA SER A 50 6.04 5.66 -10.47
C SER A 50 5.52 7.08 -10.18
N ALA A 51 4.28 7.19 -9.70
CA ALA A 51 3.60 8.43 -9.49
C ALA A 51 4.24 9.27 -8.37
N TYR A 52 5.13 8.68 -7.54
CA TYR A 52 5.67 9.37 -6.40
C TYR A 52 6.92 10.18 -6.79
N ASN A 53 7.40 10.03 -8.03
CA ASN A 53 8.47 10.86 -8.60
C ASN A 53 9.77 10.73 -7.79
N ASN A 54 10.01 9.55 -7.20
CA ASN A 54 11.17 9.36 -6.33
C ASN A 54 11.78 7.95 -6.45
N GLU A 55 11.39 7.15 -7.45
CA GLU A 55 11.89 5.77 -7.54
C GLU A 55 13.38 5.76 -7.91
N LYS A 56 13.87 6.75 -8.66
CA LYS A 56 15.31 6.77 -8.96
C LYS A 56 16.13 6.89 -7.67
N GLU A 57 15.62 7.69 -6.73
CA GLU A 57 16.34 7.94 -5.48
C GLU A 57 16.26 6.70 -4.58
N VAL A 58 15.11 6.01 -4.59
CA VAL A 58 14.97 4.72 -3.94
C VAL A 58 16.01 3.75 -4.54
N GLY A 59 16.09 3.71 -5.88
CA GLY A 59 17.01 2.83 -6.61
C GLY A 59 18.47 3.00 -6.18
N LEU A 60 18.88 4.26 -6.00
CA LEU A 60 20.27 4.56 -5.58
C LEU A 60 20.54 3.99 -4.20
N ALA A 61 19.53 4.03 -3.31
CA ALA A 61 19.71 3.53 -1.96
C ALA A 61 19.76 2.00 -1.98
N LEU A 62 18.93 1.36 -2.82
CA LEU A 62 18.95 -0.09 -2.91
C LEU A 62 20.32 -0.53 -3.42
N LYS A 63 20.82 0.15 -4.46
CA LYS A 63 22.13 -0.17 -5.05
C LYS A 63 23.20 -0.14 -3.94
N LYS A 64 23.18 0.92 -3.13
CA LYS A 64 24.13 1.10 -2.02
C LYS A 64 24.03 -0.05 -1.01
N LEU A 65 22.79 -0.40 -0.61
CA LEU A 65 22.57 -1.47 0.35
C LEU A 65 23.13 -2.79 -0.20
N PHE A 66 22.88 -3.08 -1.47
CA PHE A 66 23.33 -4.34 -2.09
C PHE A 66 24.87 -4.35 -2.15
N GLU A 67 25.46 -3.24 -2.60
CA GLU A 67 26.93 -3.18 -2.81
C GLU A 67 27.68 -3.26 -1.46
N GLU A 68 27.05 -2.79 -0.38
CA GLU A 68 27.62 -2.79 0.98
C GLU A 68 27.40 -4.14 1.68
N GLY A 69 26.55 -5.00 1.12
CA GLY A 69 26.28 -6.31 1.67
C GLY A 69 25.33 -6.27 2.87
N VAL A 70 24.53 -5.20 3.00
CA VAL A 70 23.57 -5.09 4.09
C VAL A 70 22.49 -6.15 3.90
N VAL A 71 21.99 -6.26 2.66
CA VAL A 71 21.04 -7.26 2.26
C VAL A 71 21.39 -7.71 0.84
N LYS A 72 20.85 -8.87 0.45
CA LYS A 72 20.81 -9.31 -0.94
C LYS A 72 19.41 -9.01 -1.51
N ARG A 73 19.30 -9.00 -2.84
CA ARG A 73 18.01 -8.70 -3.50
C ARG A 73 16.90 -9.60 -2.94
N ALA A 74 17.19 -10.89 -2.75
CA ALA A 74 16.17 -11.87 -2.33
C ALA A 74 15.65 -11.59 -0.91
N ASP A 75 16.38 -10.78 -0.12
CA ASP A 75 16.01 -10.45 1.24
C ASP A 75 14.92 -9.35 1.29
N LEU A 76 14.73 -8.61 0.18
CA LEU A 76 13.81 -7.47 0.14
C LEU A 76 12.54 -7.83 -0.62
N PHE A 77 11.44 -7.24 -0.17
CA PHE A 77 10.16 -7.26 -0.85
C PHE A 77 9.91 -5.84 -1.40
N ILE A 78 9.96 -5.68 -2.73
CA ILE A 78 9.81 -4.36 -3.35
C ILE A 78 8.52 -4.33 -4.17
N THR A 79 7.70 -3.32 -3.91
CA THR A 79 6.43 -3.09 -4.58
C THR A 79 6.51 -1.80 -5.39
N SER A 80 5.90 -1.82 -6.57
CA SER A 80 5.60 -0.57 -7.27
C SER A 80 4.18 -0.63 -7.85
N LYS A 81 3.80 0.44 -8.54
CA LYS A 81 2.42 0.60 -8.95
C LYS A 81 2.33 1.21 -10.35
N LEU A 82 1.35 0.69 -11.11
CA LEU A 82 1.00 1.13 -12.46
C LEU A 82 0.07 2.35 -12.40
N TRP A 83 0.52 3.47 -12.98
CA TRP A 83 -0.25 4.72 -12.98
C TRP A 83 -1.35 4.66 -14.05
N CYS A 84 -2.37 5.51 -13.85
CA CYS A 84 -3.65 5.54 -14.60
C CYS A 84 -3.45 5.75 -16.10
N ASP A 85 -2.33 6.35 -16.50
CA ASP A 85 -2.15 6.70 -17.92
C ASP A 85 -1.43 5.57 -18.67
N HIS A 86 -1.15 4.44 -18.02
CA HIS A 86 -0.46 3.32 -18.64
C HIS A 86 -1.29 2.03 -18.57
N HIS A 87 -2.63 2.16 -18.59
CA HIS A 87 -3.50 0.98 -18.46
C HIS A 87 -3.63 0.20 -19.78
N ALA A 88 -3.27 0.79 -20.93
CA ALA A 88 -3.40 0.06 -22.20
C ALA A 88 -2.43 -1.12 -22.21
N PRO A 89 -2.80 -2.27 -22.81
CA PRO A 89 -1.97 -3.48 -22.73
C PRO A 89 -0.50 -3.31 -23.13
N GLU A 90 -0.21 -2.51 -24.17
CA GLU A 90 1.17 -2.30 -24.64
C GLU A 90 1.92 -1.32 -23.72
N ASP A 91 1.17 -0.56 -22.90
CA ASP A 91 1.74 0.50 -22.05
C ASP A 91 2.10 -0.06 -20.66
N VAL A 92 1.44 -1.14 -20.26
CA VAL A 92 1.67 -1.76 -18.95
C VAL A 92 3.13 -2.20 -18.85
N PRO A 93 3.67 -3.00 -19.80
CA PRO A 93 5.08 -3.40 -19.73
C PRO A 93 6.07 -2.23 -19.84
N GLU A 94 5.71 -1.19 -20.61
CA GLU A 94 6.53 0.00 -20.72
C GLU A 94 6.69 0.67 -19.36
N ALA A 95 5.57 0.79 -18.61
CA ALA A 95 5.57 1.39 -17.28
C ALA A 95 6.42 0.54 -16.33
N LEU A 96 6.25 -0.78 -16.36
CA LEU A 96 7.02 -1.62 -15.44
C LEU A 96 8.52 -1.51 -15.77
N ASP A 97 8.87 -1.50 -17.05
CA ASP A 97 10.30 -1.46 -17.43
C ASP A 97 10.92 -0.13 -16.97
N ALA A 98 10.18 0.97 -17.10
CA ALA A 98 10.66 2.28 -16.62
C ALA A 98 10.89 2.25 -15.10
N THR A 99 9.94 1.65 -14.36
CA THR A 99 10.05 1.50 -12.92
C THR A 99 11.28 0.66 -12.55
N LEU A 100 11.49 -0.46 -13.25
CA LEU A 100 12.63 -1.35 -12.97
C LEU A 100 13.95 -0.65 -13.27
N ASN A 101 13.98 0.17 -14.32
CA ASN A 101 15.15 0.99 -14.66
C ASN A 101 15.45 1.96 -13.50
N ASP A 102 14.40 2.59 -12.95
CA ASP A 102 14.58 3.59 -11.88
C ASP A 102 15.04 2.90 -10.59
N LEU A 103 14.43 1.77 -10.24
CA LEU A 103 14.74 1.08 -8.99
C LEU A 103 16.03 0.27 -9.14
N GLN A 104 16.52 0.13 -10.38
CA GLN A 104 17.72 -0.65 -10.74
C GLN A 104 17.53 -2.13 -10.34
N LEU A 105 16.36 -2.67 -10.67
CA LEU A 105 16.00 -4.05 -10.35
C LEU A 105 15.66 -4.80 -11.63
N GLU A 106 15.69 -6.13 -11.54
CA GLU A 106 15.34 -7.02 -12.65
C GLU A 106 13.89 -7.54 -12.52
N TYR A 107 13.35 -7.50 -11.31
CA TYR A 107 11.98 -7.91 -10.99
C TYR A 107 11.46 -7.12 -9.79
N LEU A 108 10.13 -7.04 -9.70
CA LEU A 108 9.41 -6.61 -8.49
C LEU A 108 8.83 -7.83 -7.79
N ASP A 109 8.66 -7.70 -6.47
CA ASP A 109 7.93 -8.68 -5.68
C ASP A 109 6.43 -8.49 -5.86
N LEU A 110 6.00 -7.25 -6.13
CA LEU A 110 4.59 -6.95 -6.24
C LEU A 110 4.41 -5.73 -7.15
N TYR A 111 3.43 -5.82 -8.05
CA TYR A 111 3.05 -4.71 -8.92
C TYR A 111 1.53 -4.53 -8.84
N LEU A 112 1.10 -3.29 -8.57
CA LEU A 112 -0.30 -2.98 -8.29
C LEU A 112 -0.85 -2.02 -9.35
N ILE A 113 -2.09 -2.27 -9.79
CA ILE A 113 -2.89 -1.21 -10.43
C ILE A 113 -3.17 -0.14 -9.38
N HIS A 114 -2.74 1.10 -9.64
CA HIS A 114 -2.69 2.13 -8.59
C HIS A 114 -4.10 2.60 -8.19
N TRP A 115 -4.97 2.81 -9.19
CA TRP A 115 -6.38 3.21 -9.01
C TRP A 115 -7.24 2.52 -10.04
N PRO A 116 -8.53 2.29 -9.75
CA PRO A 116 -9.47 1.81 -10.76
C PRO A 116 -9.93 2.97 -11.65
N PHE A 117 -8.99 3.57 -12.36
CA PHE A 117 -9.21 4.77 -13.11
C PHE A 117 -8.16 4.85 -14.22
N ARG A 118 -8.57 5.33 -15.39
CA ARG A 118 -7.72 5.31 -16.57
C ARG A 118 -7.69 6.70 -17.22
N THR A 119 -6.51 7.07 -17.76
CA THR A 119 -6.34 8.31 -18.49
C THR A 119 -5.53 8.06 -19.75
N LYS A 120 -5.57 9.02 -20.67
CA LYS A 120 -4.79 8.99 -21.88
C LYS A 120 -3.29 9.02 -21.55
N LYS A 121 -2.51 8.24 -22.31
CA LYS A 121 -1.06 8.16 -22.07
C LYS A 121 -0.46 9.56 -22.14
N GLY A 122 0.28 9.93 -21.09
CA GLY A 122 1.05 11.18 -20.99
C GLY A 122 0.21 12.41 -20.69
N SER A 123 -1.06 12.22 -20.31
CA SER A 123 -1.99 13.33 -20.03
C SER A 123 -1.89 13.76 -18.57
N SER A 124 -2.51 14.90 -18.24
CA SER A 124 -2.61 15.37 -16.86
C SER A 124 -3.96 14.95 -16.28
N ILE A 125 -3.92 14.21 -15.16
CA ILE A 125 -5.12 13.62 -14.58
C ILE A 125 -6.05 14.72 -14.03
N GLY A 126 -5.52 15.93 -13.84
CA GLY A 126 -6.32 17.06 -13.36
C GLY A 126 -7.33 17.58 -14.38
N LYS A 127 -7.25 17.11 -15.64
CA LYS A 127 -8.09 17.62 -16.73
C LYS A 127 -9.07 16.54 -17.17
N PRO A 128 -10.39 16.85 -17.27
CA PRO A 128 -11.38 15.84 -17.67
C PRO A 128 -11.20 15.32 -19.11
N GLU A 129 -10.55 16.12 -19.97
CA GLU A 129 -10.22 15.73 -21.33
C GLU A 129 -9.28 14.51 -21.34
N SER A 130 -8.58 14.27 -20.23
CA SER A 130 -7.65 13.15 -20.09
C SER A 130 -8.37 11.82 -19.81
N TYR A 131 -9.62 11.86 -19.35
CA TYR A 131 -10.26 10.65 -18.82
C TYR A 131 -10.60 9.64 -19.92
N LEU A 132 -10.45 8.36 -19.57
CA LEU A 132 -10.88 7.23 -20.41
C LEU A 132 -11.63 6.27 -19.49
N PRO A 133 -12.64 5.54 -20.00
CA PRO A 133 -13.30 4.51 -19.20
C PRO A 133 -12.28 3.43 -18.87
N PRO A 134 -12.23 2.94 -17.60
CA PRO A 134 -11.37 1.81 -17.28
C PRO A 134 -11.76 0.55 -18.07
N ASP A 135 -10.76 -0.30 -18.35
CA ASP A 135 -10.96 -1.66 -18.85
C ASP A 135 -10.06 -2.57 -18.02
N ILE A 136 -10.50 -2.85 -16.80
CA ILE A 136 -9.65 -3.52 -15.83
C ILE A 136 -9.32 -4.94 -16.29
N PRO A 137 -10.26 -5.71 -16.88
CA PRO A 137 -9.91 -7.04 -17.39
C PRO A 137 -8.76 -7.02 -18.41
N SER A 138 -8.77 -6.02 -19.31
CA SER A 138 -7.73 -5.83 -20.31
C SER A 138 -6.39 -5.54 -19.63
N THR A 139 -6.39 -4.54 -18.74
CA THR A 139 -5.18 -4.14 -18.01
C THR A 139 -4.67 -5.33 -17.19
N TRP A 140 -5.58 -6.02 -16.50
CA TRP A 140 -5.20 -7.18 -15.69
C TRP A 140 -4.56 -8.29 -16.54
N ALA A 141 -5.05 -8.54 -17.76
CA ALA A 141 -4.47 -9.58 -18.60
C ALA A 141 -3.02 -9.22 -18.91
N ALA A 142 -2.73 -7.92 -19.03
CA ALA A 142 -1.35 -7.45 -19.27
C ALA A 142 -0.52 -7.68 -18.00
N MET A 143 -1.12 -7.46 -16.83
CA MET A 143 -0.45 -7.69 -15.53
C MET A 143 -0.15 -9.19 -15.37
N GLU A 144 -1.08 -10.04 -15.82
CA GLU A 144 -0.91 -11.51 -15.75
C GLU A 144 0.32 -11.94 -16.60
N LYS A 145 0.55 -11.27 -17.73
CA LYS A 145 1.74 -11.53 -18.55
C LYS A 145 3.03 -11.25 -17.76
N LEU A 146 3.06 -10.14 -17.02
CA LEU A 146 4.22 -9.79 -16.18
C LEU A 146 4.42 -10.84 -15.07
N TYR A 147 3.32 -11.34 -14.49
CA TYR A 147 3.38 -12.39 -13.51
C TYR A 147 3.98 -13.66 -14.15
N ASP A 148 3.46 -14.03 -15.32
CA ASP A 148 3.86 -15.27 -15.99
C ASP A 148 5.36 -15.23 -16.35
N SER A 149 5.87 -14.03 -16.68
CA SER A 149 7.26 -13.85 -17.13
C SER A 149 8.22 -13.69 -15.93
N GLY A 150 7.68 -13.48 -14.74
CA GLY A 150 8.47 -13.34 -13.51
C GLY A 150 8.99 -11.92 -13.31
N LYS A 151 8.58 -10.99 -14.16
CA LYS A 151 8.95 -9.57 -14.02
C LYS A 151 8.32 -8.98 -12.76
N SER A 152 7.13 -9.46 -12.40
CA SER A 152 6.51 -9.19 -11.10
C SER A 152 6.08 -10.53 -10.50
N ARG A 153 6.56 -10.84 -9.29
CA ARG A 153 6.37 -12.17 -8.71
C ARG A 153 4.93 -12.30 -8.16
N ALA A 154 4.30 -11.17 -7.88
CA ALA A 154 2.89 -11.13 -7.52
C ALA A 154 2.28 -9.87 -8.15
N ILE A 155 0.97 -9.94 -8.40
CA ILE A 155 0.26 -8.80 -8.95
C ILE A 155 -0.98 -8.54 -8.09
N GLY A 156 -1.36 -7.27 -8.01
CA GLY A 156 -2.54 -6.92 -7.24
C GLY A 156 -3.07 -5.56 -7.62
N VAL A 157 -3.90 -4.99 -6.73
CA VAL A 157 -4.52 -3.72 -6.98
C VAL A 157 -4.38 -2.82 -5.74
N SER A 158 -4.74 -1.55 -5.94
CA SER A 158 -4.77 -0.57 -4.90
C SER A 158 -6.08 0.23 -5.03
N ASN A 159 -6.67 0.61 -3.90
CA ASN A 159 -7.86 1.47 -3.88
C ASN A 159 -9.06 0.82 -4.60
N PHE A 160 -9.16 -0.52 -4.54
CA PHE A 160 -10.33 -1.23 -5.00
C PHE A 160 -11.27 -1.54 -3.82
N SER A 161 -12.52 -1.13 -3.96
CA SER A 161 -13.59 -1.53 -3.07
C SER A 161 -13.75 -3.06 -3.04
N SER A 162 -14.45 -3.58 -2.04
CA SER A 162 -14.77 -5.01 -1.94
CA SER A 162 -14.69 -5.01 -1.98
C SER A 162 -15.46 -5.47 -3.24
N LYS A 163 -16.39 -4.64 -3.74
CA LYS A 163 -17.16 -4.99 -4.94
C LYS A 163 -16.22 -5.12 -6.16
N LYS A 164 -15.40 -4.09 -6.40
CA LYS A 164 -14.50 -4.07 -7.55
C LYS A 164 -13.45 -5.18 -7.43
N LEU A 165 -12.98 -5.43 -6.21
CA LEU A 165 -12.00 -6.49 -5.97
C LEU A 165 -12.64 -7.84 -6.30
N GLY A 166 -13.88 -8.05 -5.83
CA GLY A 166 -14.63 -9.29 -6.10
C GLY A 166 -14.89 -9.49 -7.58
N ASP A 167 -15.23 -8.39 -8.27
CA ASP A 167 -15.51 -8.45 -9.69
C ASP A 167 -14.25 -8.86 -10.45
N LEU A 168 -13.09 -8.33 -10.03
CA LEU A 168 -11.82 -8.69 -10.67
C LEU A 168 -11.49 -10.17 -10.39
N LEU A 169 -11.68 -10.60 -9.14
CA LEU A 169 -11.38 -11.96 -8.72
C LEU A 169 -12.21 -12.95 -9.58
N ALA A 170 -13.46 -12.61 -9.86
CA ALA A 170 -14.35 -13.47 -10.66
C ALA A 170 -13.87 -13.56 -12.12
N ALA A 171 -13.21 -12.50 -12.60
CA ALA A 171 -12.88 -12.35 -14.02
C ALA A 171 -11.46 -12.86 -14.32
N ALA A 172 -10.62 -12.96 -13.30
CA ALA A 172 -9.18 -13.12 -13.47
C ALA A 172 -8.78 -14.59 -13.52
N ARG A 173 -7.75 -14.89 -14.32
CA ARG A 173 -7.07 -16.19 -14.30
C ARG A 173 -6.16 -16.24 -13.07
N VAL A 174 -5.31 -15.23 -12.91
CA VAL A 174 -4.46 -15.08 -11.74
C VAL A 174 -5.18 -14.16 -10.76
N PRO A 175 -5.58 -14.64 -9.55
CA PRO A 175 -6.30 -13.78 -8.62
C PRO A 175 -5.38 -12.68 -8.14
N PRO A 176 -5.91 -11.48 -7.83
CA PRO A 176 -5.13 -10.43 -7.20
C PRO A 176 -4.55 -10.99 -5.90
N ALA A 177 -3.27 -10.70 -5.63
CA ALA A 177 -2.60 -11.13 -4.41
C ALA A 177 -2.85 -10.17 -3.24
N VAL A 178 -3.02 -8.88 -3.57
CA VAL A 178 -3.04 -7.81 -2.61
C VAL A 178 -4.06 -6.77 -3.06
N ASP A 179 -4.78 -6.19 -2.10
CA ASP A 179 -5.47 -4.91 -2.27
C ASP A 179 -4.87 -3.94 -1.25
N GLN A 180 -4.14 -2.94 -1.74
CA GLN A 180 -3.53 -1.92 -0.89
C GLN A 180 -4.49 -0.73 -0.75
N VAL A 181 -4.88 -0.43 0.49
CA VAL A 181 -5.96 0.54 0.77
C VAL A 181 -5.62 1.34 2.03
N GLU A 182 -6.23 2.52 2.14
CA GLU A 182 -6.21 3.28 3.37
C GLU A 182 -6.80 2.42 4.49
N CYS A 183 -6.03 2.22 5.56
CA CYS A 183 -6.54 1.46 6.67
C CYS A 183 -5.78 1.86 7.95
N HIS A 184 -6.56 2.29 8.94
CA HIS A 184 -6.04 2.82 10.19
C HIS A 184 -7.19 2.82 11.19
N PRO A 185 -6.95 3.12 12.49
CA PRO A 185 -8.05 3.10 13.46
C PRO A 185 -9.27 3.98 13.12
N GLY A 186 -9.08 5.05 12.34
CA GLY A 186 -10.15 5.93 11.91
C GLY A 186 -10.85 5.44 10.65
N TRP A 187 -10.31 4.40 10.01
CA TRP A 187 -10.91 3.83 8.80
C TRP A 187 -10.50 2.36 8.71
N GLN A 188 -11.27 1.51 9.39
CA GLN A 188 -10.81 0.18 9.81
C GLN A 188 -11.12 -0.85 8.72
N GLN A 189 -11.96 -0.51 7.74
CA GLN A 189 -12.19 -1.33 6.52
C GLN A 189 -12.68 -2.74 6.88
N MET A 190 -13.58 -2.85 7.86
CA MET A 190 -13.99 -4.16 8.35
C MET A 190 -14.65 -4.98 7.22
N LYS A 191 -15.42 -4.33 6.34
CA LYS A 191 -16.08 -5.04 5.24
C LYS A 191 -15.03 -5.64 4.28
N LEU A 192 -14.07 -4.81 3.85
CA LEU A 192 -13.05 -5.26 2.94
C LEU A 192 -12.15 -6.29 3.63
N HIS A 193 -11.82 -6.06 4.90
CA HIS A 193 -11.05 -7.01 5.71
C HIS A 193 -11.69 -8.41 5.63
N ASN A 194 -13.00 -8.46 5.93
CA ASN A 194 -13.70 -9.74 5.96
C ASN A 194 -13.71 -10.38 4.57
N PHE A 195 -13.91 -9.56 3.53
CA PHE A 195 -13.96 -10.04 2.17
C PHE A 195 -12.59 -10.64 1.78
N CYS A 196 -11.52 -9.92 2.11
CA CYS A 196 -10.16 -10.35 1.83
C CYS A 196 -9.86 -11.68 2.53
N GLN A 197 -10.23 -11.80 3.81
CA GLN A 197 -9.99 -13.03 4.58
C GLN A 197 -10.74 -14.21 3.94
N SER A 198 -11.91 -13.94 3.38
CA SER A 198 -12.78 -14.98 2.83
CA SER A 198 -12.80 -14.95 2.82
C SER A 198 -12.31 -15.43 1.44
N THR A 199 -11.51 -14.61 0.75
CA THR A 199 -11.12 -14.88 -0.63
C THR A 199 -9.61 -15.14 -0.79
N GLY A 200 -8.82 -14.87 0.27
CA GLY A 200 -7.38 -15.15 0.25
C GLY A 200 -6.57 -14.02 -0.38
N ILE A 201 -7.15 -12.82 -0.41
CA ILE A 201 -6.45 -11.63 -0.87
C ILE A 201 -5.90 -10.91 0.36
N HIS A 202 -4.63 -10.48 0.28
CA HIS A 202 -3.96 -9.78 1.35
C HIS A 202 -4.37 -8.30 1.38
N LEU A 203 -4.78 -7.80 2.56
CA LEU A 203 -5.06 -6.37 2.75
C LEU A 203 -3.80 -5.69 3.30
N SER A 204 -3.29 -4.72 2.53
CA SER A 204 -2.11 -3.98 2.88
C SER A 204 -2.53 -2.54 3.15
N ALA A 205 -2.14 -2.02 4.32
CA ALA A 205 -2.65 -0.75 4.83
C ALA A 205 -1.67 0.39 4.54
N TYR A 206 -2.09 1.32 3.69
CA TYR A 206 -1.44 2.60 3.57
C TYR A 206 -2.09 3.62 4.51
N SER A 207 -1.35 4.70 4.77
CA SER A 207 -1.72 5.73 5.73
C SER A 207 -2.16 5.09 7.04
N PRO A 208 -1.37 4.16 7.61
CA PRO A 208 -1.77 3.47 8.84
C PRO A 208 -1.80 4.37 10.08
N LEU A 209 -1.30 5.60 9.97
CA LEU A 209 -1.37 6.59 11.06
C LEU A 209 -2.40 7.70 10.74
N GLY A 210 -3.32 7.44 9.81
CA GLY A 210 -4.25 8.44 9.35
C GLY A 210 -3.53 9.54 8.58
N SER A 211 -3.81 10.79 8.95
CA SER A 211 -3.23 11.97 8.30
C SER A 211 -2.39 12.78 9.29
N PRO A 212 -1.06 12.55 9.36
CA PRO A 212 -0.21 13.30 10.30
C PRO A 212 -0.08 14.80 10.00
N GLY A 213 -0.42 15.19 8.76
CA GLY A 213 -0.42 16.58 8.35
C GLY A 213 -1.61 17.36 8.89
N SER A 214 -2.58 16.66 9.50
CA SER A 214 -3.86 17.22 9.91
C SER A 214 -3.91 17.46 11.43
N THR A 215 -4.90 18.28 11.83
CA THR A 215 -5.42 18.31 13.22
C THR A 215 -6.15 17.00 13.55
N PHE A 216 -6.49 16.84 14.82
CA PHE A 216 -7.21 15.67 15.31
C PHE A 216 -8.51 15.46 14.51
N MET A 217 -9.34 16.51 14.43
CA MET A 217 -10.65 16.44 13.79
C MET A 217 -10.51 16.16 12.28
N ASN A 218 -9.35 16.50 11.70
CA ASN A 218 -9.15 16.42 10.25
C ASN A 218 -8.36 15.16 9.83
N GLY A 219 -8.03 14.27 10.78
CA GLY A 219 -7.47 12.99 10.38
C GLY A 219 -6.25 12.54 11.18
N ASN A 220 -5.76 13.34 12.14
CA ASN A 220 -4.68 12.86 13.00
C ASN A 220 -5.29 11.92 14.04
N VAL A 221 -5.48 10.66 13.64
CA VAL A 221 -6.20 9.67 14.45
C VAL A 221 -5.39 9.30 15.70
N LEU A 222 -4.08 9.60 15.72
CA LEU A 222 -3.24 9.30 16.90
C LEU A 222 -3.63 10.17 18.11
N LYS A 223 -4.46 11.20 17.89
CA LYS A 223 -4.94 12.06 18.98
C LYS A 223 -6.23 11.50 19.59
N GLU A 224 -6.72 10.37 19.10
CA GLU A 224 -7.89 9.72 19.70
C GLU A 224 -7.56 9.36 21.15
N PRO A 225 -8.39 9.78 22.13
CA PRO A 225 -8.17 9.42 23.54
C PRO A 225 -7.92 7.92 23.81
N ILE A 226 -8.65 7.05 23.11
CA ILE A 226 -8.53 5.61 23.26
C ILE A 226 -7.10 5.18 22.91
N ILE A 227 -6.55 5.72 21.82
CA ILE A 227 -5.21 5.33 21.39
C ILE A 227 -4.17 5.86 22.38
N ILE A 228 -4.30 7.12 22.78
CA ILE A 228 -3.42 7.74 23.76
C ILE A 228 -3.45 6.89 25.03
N SER A 229 -4.66 6.50 25.47
CA SER A 229 -4.86 5.77 26.71
C SER A 229 -4.12 4.43 26.66
N ILE A 230 -4.32 3.68 25.57
CA ILE A 230 -3.72 2.37 25.37
C ILE A 230 -2.20 2.53 25.31
N ALA A 231 -1.71 3.55 24.60
CA ALA A 231 -0.28 3.86 24.49
C ALA A 231 0.35 4.02 25.88
N GLU A 232 -0.35 4.74 26.77
CA GLU A 232 0.16 5.02 28.12
C GLU A 232 0.20 3.71 28.92
N LYS A 233 -0.86 2.91 28.81
CA LYS A 233 -0.97 1.63 29.53
C LYS A 233 0.16 0.67 29.14
N LEU A 234 0.51 0.63 27.85
CA LEU A 234 1.45 -0.38 27.32
C LEU A 234 2.87 0.17 27.23
N GLY A 235 3.08 1.44 27.54
CA GLY A 235 4.40 2.08 27.49
C GLY A 235 4.95 2.17 26.07
N LYS A 236 4.05 2.45 25.11
CA LYS A 236 4.39 2.59 23.70
C LYS A 236 3.89 3.95 23.20
N THR A 237 4.29 4.34 21.99
CA THR A 237 3.80 5.58 21.38
C THR A 237 2.44 5.32 20.76
N PRO A 238 1.59 6.38 20.63
CA PRO A 238 0.33 6.26 19.89
C PRO A 238 0.51 5.63 18.49
N ALA A 239 1.57 6.03 17.77
CA ALA A 239 1.85 5.47 16.44
C ALA A 239 2.06 3.96 16.53
N GLN A 240 2.83 3.53 17.54
CA GLN A 240 3.11 2.12 17.72
C GLN A 240 1.80 1.35 17.95
N VAL A 241 0.91 1.90 18.77
CA VAL A 241 -0.40 1.29 19.05
C VAL A 241 -1.24 1.19 17.77
N ALA A 242 -1.30 2.28 17.00
CA ALA A 242 -2.07 2.26 15.75
C ALA A 242 -1.54 1.17 14.81
N LEU A 243 -0.21 1.07 14.66
CA LEU A 243 0.40 0.10 13.77
C LEU A 243 0.13 -1.32 14.28
N ARG A 244 0.26 -1.53 15.59
CA ARG A 244 0.09 -2.86 16.18
C ARG A 244 -1.35 -3.34 16.00
N TRP A 245 -2.31 -2.42 16.10
CA TRP A 245 -3.70 -2.75 15.83
C TRP A 245 -3.84 -3.42 14.45
N ASN A 246 -3.26 -2.77 13.45
CA ASN A 246 -3.32 -3.22 12.07
C ASN A 246 -2.66 -4.60 11.94
N ILE A 247 -1.48 -4.75 12.57
CA ILE A 247 -0.74 -6.02 12.58
C ILE A 247 -1.64 -7.13 13.14
N GLN A 248 -2.35 -6.83 14.23
CA GLN A 248 -3.19 -7.83 14.89
C GLN A 248 -4.43 -8.17 14.06
N MET A 249 -4.83 -7.28 13.14
CA MET A 249 -5.90 -7.59 12.16
C MET A 249 -5.39 -8.50 11.04
N GLY A 250 -4.07 -8.77 10.99
CA GLY A 250 -3.48 -9.64 9.97
C GLY A 250 -3.19 -8.89 8.67
N HIS A 251 -2.99 -7.57 8.79
CA HIS A 251 -2.64 -6.72 7.65
C HIS A 251 -1.12 -6.49 7.64
N SER A 252 -0.59 -6.11 6.47
CA SER A 252 0.68 -5.42 6.42
C SER A 252 0.41 -3.92 6.58
N VAL A 253 1.38 -3.18 7.11
CA VAL A 253 1.31 -1.72 7.28
C VAL A 253 2.48 -1.08 6.55
N LEU A 254 2.24 0.13 6.02
CA LEU A 254 3.21 0.83 5.19
C LEU A 254 3.40 2.24 5.73
N PRO A 255 3.93 2.40 6.97
CA PRO A 255 4.16 3.74 7.52
C PRO A 255 5.22 4.49 6.70
N LYS A 256 4.86 5.68 6.23
CA LYS A 256 5.77 6.55 5.52
C LYS A 256 6.45 7.47 6.53
N SER A 257 7.78 7.54 6.48
CA SER A 257 8.54 8.56 7.18
C SER A 257 9.89 8.78 6.47
N VAL A 258 10.47 9.96 6.66
CA VAL A 258 11.83 10.23 6.21
C VAL A 258 12.72 10.57 7.41
N SER A 259 12.17 10.44 8.63
CA SER A 259 12.90 10.63 9.89
C SER A 259 13.42 9.27 10.38
N GLU A 260 14.74 9.17 10.54
CA GLU A 260 15.39 7.93 10.97
C GLU A 260 14.79 7.44 12.28
N GLU A 261 14.57 8.33 13.24
CA GLU A 261 14.09 7.90 14.54
C GLU A 261 12.65 7.42 14.42
N ARG A 262 11.83 8.10 13.62
CA ARG A 262 10.45 7.67 13.45
C ARG A 262 10.42 6.34 12.68
N ILE A 263 11.29 6.18 11.69
CA ILE A 263 11.35 4.91 10.91
C ILE A 263 11.64 3.74 11.87
N LYS A 264 12.57 3.96 12.81
CA LYS A 264 12.96 2.92 13.77
C LYS A 264 11.78 2.59 14.72
N GLN A 265 11.10 3.62 15.21
CA GLN A 265 9.99 3.43 16.15
C GLN A 265 8.84 2.65 15.48
N ASN A 266 8.64 2.90 14.16
CA ASN A 266 7.51 2.34 13.43
C ASN A 266 7.71 0.84 13.17
N LEU A 267 8.92 0.32 13.38
CA LEU A 267 9.23 -1.11 13.23
C LEU A 267 9.05 -1.86 14.57
N ASP A 268 8.98 -1.13 15.68
CA ASP A 268 8.85 -1.72 17.01
C ASP A 268 7.38 -2.05 17.29
N VAL A 269 6.87 -3.09 16.62
CA VAL A 269 5.46 -3.47 16.67
C VAL A 269 5.31 -4.99 16.74
N TYR A 270 6.36 -5.71 17.16
CA TYR A 270 6.36 -7.18 17.08
C TYR A 270 6.52 -7.86 18.44
N ASP A 271 7.35 -7.30 19.34
CA ASP A 271 7.77 -8.03 20.57
C ASP A 271 6.82 -7.74 21.73
N TRP A 272 5.61 -7.24 21.42
CA TRP A 272 4.56 -6.90 22.38
C TRP A 272 3.21 -6.93 21.64
N SER A 273 2.12 -6.86 22.38
CA SER A 273 0.79 -6.89 21.77
C SER A 273 -0.21 -6.05 22.59
N ILE A 274 -1.35 -5.76 21.95
CA ILE A 274 -2.49 -5.13 22.55
C ILE A 274 -3.39 -6.21 23.11
N PRO A 275 -3.65 -6.24 24.44
CA PRO A 275 -4.62 -7.17 25.02
C PRO A 275 -6.00 -7.09 24.36
N GLU A 276 -6.70 -8.23 24.33
CA GLU A 276 -7.98 -8.41 23.66
C GLU A 276 -9.02 -7.39 24.17
N ASP A 277 -8.98 -7.07 25.47
CA ASP A 277 -9.96 -6.19 26.09
C ASP A 277 -9.73 -4.74 25.60
N LEU A 278 -8.47 -4.36 25.38
CA LEU A 278 -8.14 -3.02 24.89
C LEU A 278 -8.39 -2.93 23.38
N LEU A 279 -8.13 -4.02 22.66
CA LEU A 279 -8.33 -4.09 21.21
C LEU A 279 -9.81 -3.83 20.88
N ALA A 280 -10.71 -4.34 21.72
CA ALA A 280 -12.16 -4.21 21.51
C ALA A 280 -12.59 -2.74 21.51
N LYS A 281 -11.86 -1.89 22.22
CA LYS A 281 -12.20 -0.47 22.38
C LYS A 281 -11.99 0.33 21.09
N PHE A 282 -11.22 -0.20 20.13
CA PHE A 282 -11.05 0.46 18.83
C PHE A 282 -12.39 0.60 18.10
N SER A 283 -13.37 -0.25 18.43
CA SER A 283 -14.72 -0.20 17.83
C SER A 283 -15.45 1.13 18.11
N GLU A 284 -14.97 1.91 19.08
CA GLU A 284 -15.62 3.14 19.52
C GLU A 284 -15.13 4.36 18.73
N ILE A 285 -14.09 4.20 17.89
CA ILE A 285 -13.50 5.33 17.16
C ILE A 285 -14.39 5.66 15.94
N LYS A 286 -14.71 6.94 15.79
CA LYS A 286 -15.48 7.45 14.67
C LYS A 286 -14.77 7.08 13.36
N GLN A 287 -15.53 6.61 12.36
CA GLN A 287 -15.00 6.13 11.09
C GLN A 287 -15.21 7.19 10.00
N VAL A 288 -14.10 7.66 9.42
CA VAL A 288 -14.12 8.62 8.35
C VAL A 288 -12.97 8.27 7.39
N ARG A 289 -13.31 8.10 6.11
CA ARG A 289 -12.31 7.90 5.07
C ARG A 289 -11.59 9.23 4.78
N LEU A 290 -10.25 9.21 4.82
CA LEU A 290 -9.46 10.44 4.74
C LEU A 290 -8.98 10.71 3.30
N LEU A 291 -8.75 9.65 2.53
CA LEU A 291 -8.31 9.75 1.11
C LEU A 291 -9.51 9.37 0.24
N ARG A 292 -10.34 10.36 -0.11
CA ARG A 292 -11.70 10.08 -0.57
C ARG A 292 -11.76 9.89 -2.08
N GLY A 293 -10.65 10.18 -2.79
CA GLY A 293 -10.58 10.06 -4.23
C GLY A 293 -11.25 11.21 -4.97
N ASN A 294 -11.19 12.41 -4.39
CA ASN A 294 -11.84 13.58 -4.96
C ASN A 294 -11.36 13.86 -6.38
N PHE A 295 -10.08 13.59 -6.65
CA PHE A 295 -9.47 13.90 -7.95
C PHE A 295 -10.12 13.10 -9.10
N ILE A 296 -10.86 12.03 -8.79
CA ILE A 296 -11.51 11.22 -9.84
C ILE A 296 -13.03 11.10 -9.62
N VAL A 297 -13.61 11.96 -8.78
CA VAL A 297 -15.05 11.98 -8.55
C VAL A 297 -15.56 13.37 -8.93
N ASN A 298 -16.32 13.42 -10.03
CA ASN A 298 -16.82 14.69 -10.56
C ASN A 298 -17.81 14.39 -11.68
N PRO A 299 -18.55 15.40 -12.19
CA PRO A 299 -19.55 15.14 -13.24
C PRO A 299 -19.02 14.58 -14.57
N GLN A 300 -17.70 14.67 -14.82
CA GLN A 300 -17.12 14.24 -16.10
C GLN A 300 -16.49 12.84 -15.98
N SER A 301 -16.47 12.28 -14.77
CA SER A 301 -15.79 11.02 -14.47
C SER A 301 -16.76 9.85 -14.62
N VAL A 302 -16.23 8.63 -14.79
CA VAL A 302 -17.02 7.42 -14.66
C VAL A 302 -17.60 7.31 -13.24
N TYR A 303 -16.96 7.95 -12.25
CA TYR A 303 -17.46 8.02 -10.86
C TYR A 303 -18.01 9.43 -10.60
N LYS A 304 -19.35 9.54 -10.60
CA LYS A 304 -20.02 10.81 -10.36
C LYS A 304 -20.13 11.11 -8.85
N THR A 305 -20.04 10.07 -8.01
CA THR A 305 -20.10 10.20 -6.57
C THR A 305 -19.05 9.32 -5.92
N HIS A 306 -18.75 9.61 -4.66
CA HIS A 306 -17.85 8.80 -3.85
C HIS A 306 -18.44 7.40 -3.65
N GLU A 307 -19.77 7.32 -3.53
CA GLU A 307 -20.46 6.05 -3.35
C GLU A 307 -20.22 5.15 -4.57
N GLU A 308 -20.12 5.73 -5.77
CA GLU A 308 -19.80 4.97 -6.99
C GLU A 308 -18.34 4.50 -6.95
N LEU A 309 -17.40 5.39 -6.60
CA LEU A 309 -15.96 5.04 -6.58
C LEU A 309 -15.72 3.87 -5.62
N TRP A 310 -16.32 3.97 -4.42
CA TRP A 310 -16.03 3.05 -3.32
C TRP A 310 -17.13 1.98 -3.15
N ASP A 311 -18.08 1.91 -4.08
CA ASP A 311 -19.21 0.99 -4.01
C ASP A 311 -19.82 1.00 -2.60
N GLY A 312 -20.13 2.21 -2.12
CA GLY A 312 -20.83 2.41 -0.86
C GLY A 312 -19.92 2.39 0.37
N GLU A 313 -18.63 2.09 0.20
CA GLU A 313 -17.70 1.98 1.33
C GLU A 313 -17.13 3.37 1.64
N ILE A 314 -18.00 4.24 2.15
CA ILE A 314 -17.60 5.58 2.55
C ILE A 314 -18.64 6.13 3.54
AS CAC B . -1.82 6.14 -2.58
O1 CAC B . -0.50 6.50 -3.64
O2 CAC B . -2.73 4.82 -3.31
C1 CAC B . -1.00 5.52 -0.95
C2 CAC B . -3.05 7.65 -2.32
C ACT C . 7.93 12.45 7.85
O ACT C . 8.21 11.90 6.77
OXT ACT C . 8.26 11.95 8.95
CH3 ACT C . 7.17 13.75 7.77
C1 GOL D . 3.51 4.45 -0.29
O1 GOL D . 4.65 3.70 -0.23
C2 GOL D . 2.97 4.41 1.11
O2 GOL D . 3.13 5.69 1.69
C3 GOL D . 1.55 3.95 1.01
O3 GOL D . 1.39 3.10 -0.13
#